data_1NVT
#
_entry.id   1NVT
#
_cell.length_a   74.650
_cell.length_b   75.620
_cell.length_c   118.790
_cell.angle_alpha   90.00
_cell.angle_beta   90.00
_cell.angle_gamma   90.00
#
_symmetry.space_group_name_H-M   'P 21 21 21'
#
loop_
_entity.id
_entity.type
_entity.pdbx_description
1 polymer "Shikimate 5'-dehydrogenase"
2 non-polymer 'ZINC ION'
3 non-polymer 'NADP NICOTINAMIDE-ADENINE-DINUCLEOTIDE PHOSPHATE'
4 water water
#
_entity_poly.entity_id   1
_entity_poly.type   'polypeptide(L)'
_entity_poly.pdbx_seq_one_letter_code
;GPLGSMINAKTKVIGLIGHPVEHSFSPIMHNAAFKDKGLNYVYVAFDVLPENLKYVIDGAKALGIVGFNVTIPHKIEIMK
YLDEIDKDAQLIGAVNTIKIEDGKAIGYNTDGIGARMALEEEIGRVKDKNIVIYGAGGAARAVAFELAKDNNIIIANRTV
EKAEALAKEIAEKLNKKFGEEVKFSGLDVDLDGVDIIINATPIGMYPNIDVEPIVKAEKLREDMVVMDLIYNPLETVLLK
EAKKVNAKTINGLGMLIYQGAVAFKIWTGVEPNIEVMKNAIIDKITK
;
_entity_poly.pdbx_strand_id   A,B
#
loop_
_chem_comp.id
_chem_comp.type
_chem_comp.name
_chem_comp.formula
NAP non-polymer 'NADP NICOTINAMIDE-ADENINE-DINUCLEOTIDE PHOSPHATE' 'C21 H28 N7 O17 P3'
ZN non-polymer 'ZINC ION' 'Zn 2'
#
# COMPACT_ATOMS: atom_id res chain seq x y z
N GLY A 1 3.08 -21.84 4.01
CA GLY A 1 1.82 -21.32 4.62
C GLY A 1 0.73 -21.02 3.60
N PRO A 2 -0.25 -20.18 3.96
CA PRO A 2 -1.36 -19.80 3.08
C PRO A 2 -0.89 -19.06 1.82
N LEU A 3 -1.76 -19.03 0.81
CA LEU A 3 -1.46 -18.31 -0.43
C LEU A 3 -2.01 -16.89 -0.31
N GLY A 4 -1.27 -15.92 -0.83
CA GLY A 4 -1.74 -14.54 -0.72
C GLY A 4 -1.24 -13.97 0.60
N SER A 5 -1.06 -12.66 0.62
CA SER A 5 -0.56 -11.95 1.79
C SER A 5 -1.54 -11.86 2.96
N MET A 6 -1.08 -12.24 4.15
CA MET A 6 -1.91 -12.19 5.36
C MET A 6 -1.73 -10.80 5.97
N ILE A 7 -2.54 -9.86 5.50
CA ILE A 7 -2.49 -8.46 5.93
C ILE A 7 -3.18 -8.12 7.23
N ASN A 8 -2.53 -7.25 8.01
CA ASN A 8 -3.09 -6.79 9.27
C ASN A 8 -2.68 -5.34 9.40
N ALA A 9 -3.07 -4.71 10.52
CA ALA A 9 -2.78 -3.30 10.75
C ALA A 9 -1.31 -2.90 10.83
N LYS A 10 -0.41 -3.86 10.91
CA LYS A 10 1.02 -3.57 11.00
C LYS A 10 1.76 -3.85 9.69
N THR A 11 1.05 -4.31 8.67
CA THR A 11 1.67 -4.62 7.39
C THR A 11 2.29 -3.36 6.77
N LYS A 12 3.52 -3.48 6.27
CA LYS A 12 4.23 -2.37 5.64
C LYS A 12 4.07 -2.42 4.11
N VAL A 13 3.97 -1.24 3.50
CA VAL A 13 3.77 -1.14 2.07
C VAL A 13 4.99 -0.75 1.27
N ILE A 14 5.16 -1.45 0.15
CA ILE A 14 6.24 -1.20 -0.79
C ILE A 14 5.53 -1.21 -2.13
N GLY A 15 5.87 -0.28 -3.01
CA GLY A 15 5.19 -0.27 -4.30
C GLY A 15 6.03 0.02 -5.52
N LEU A 16 5.45 -0.24 -6.68
CA LEU A 16 6.11 0.04 -7.95
C LEU A 16 5.45 1.30 -8.48
N ILE A 17 6.26 2.27 -8.87
CA ILE A 17 5.69 3.47 -9.44
C ILE A 17 6.14 3.56 -10.89
N GLY A 18 5.20 3.88 -11.75
CA GLY A 18 5.48 4.00 -13.17
C GLY A 18 4.16 4.27 -13.86
N HIS A 19 4.18 4.31 -15.20
CA HIS A 19 2.97 4.53 -15.98
C HIS A 19 3.21 3.96 -17.39
N PRO A 20 2.60 2.82 -17.71
CA PRO A 20 1.70 1.96 -16.92
C PRO A 20 2.45 0.94 -16.07
N VAL A 21 1.73 0.21 -15.23
CA VAL A 21 2.35 -0.80 -14.37
C VAL A 21 1.48 -2.02 -14.16
N GLU A 22 0.27 -1.99 -14.71
CA GLU A 22 -0.67 -3.08 -14.52
C GLU A 22 -0.24 -4.46 -15.03
N HIS A 23 0.88 -4.51 -15.76
CA HIS A 23 1.38 -5.78 -16.29
C HIS A 23 2.70 -6.21 -15.64
N SER A 24 3.13 -5.51 -14.62
CA SER A 24 4.39 -5.87 -13.96
C SER A 24 4.28 -7.19 -13.22
N PHE A 25 5.37 -7.96 -13.21
CA PHE A 25 5.40 -9.23 -12.52
C PHE A 25 5.94 -9.00 -11.12
N SER A 26 6.40 -7.79 -10.88
CA SER A 26 6.98 -7.42 -9.59
C SER A 26 6.13 -7.75 -8.36
N PRO A 27 4.86 -7.35 -8.35
CA PRO A 27 4.06 -7.66 -7.17
C PRO A 27 4.08 -9.16 -6.85
N ILE A 28 3.71 -9.96 -7.84
CA ILE A 28 3.67 -11.41 -7.70
C ILE A 28 4.97 -11.94 -7.12
N MET A 29 6.07 -11.53 -7.74
CA MET A 29 7.40 -11.93 -7.36
C MET A 29 7.74 -11.60 -5.90
N HIS A 30 7.59 -10.34 -5.52
CA HIS A 30 7.92 -9.92 -4.16
C HIS A 30 6.98 -10.40 -3.06
N ASN A 31 5.69 -10.54 -3.34
CA ASN A 31 4.78 -10.99 -2.31
C ASN A 31 5.08 -12.44 -1.91
N ALA A 32 5.45 -13.25 -2.88
CA ALA A 32 5.81 -14.65 -2.62
C ALA A 32 7.08 -14.70 -1.78
N ALA A 33 8.01 -13.79 -2.06
CA ALA A 33 9.26 -13.75 -1.31
C ALA A 33 9.07 -13.24 0.10
N PHE A 34 8.04 -12.41 0.30
CA PHE A 34 7.74 -11.87 1.62
C PHE A 34 7.18 -13.01 2.47
N LYS A 35 6.20 -13.72 1.92
CA LYS A 35 5.59 -14.83 2.64
C LYS A 35 6.66 -15.83 3.07
N ASP A 36 7.38 -16.37 2.09
CA ASP A 36 8.43 -17.35 2.32
C ASP A 36 9.30 -16.99 3.53
N LYS A 37 9.80 -15.76 3.57
CA LYS A 37 10.65 -15.29 4.67
C LYS A 37 9.82 -14.80 5.86
N GLY A 38 8.50 -14.98 5.78
CA GLY A 38 7.63 -14.55 6.87
C GLY A 38 7.66 -13.07 7.21
N LEU A 39 7.93 -12.22 6.22
CA LEU A 39 7.99 -10.78 6.46
C LEU A 39 6.61 -10.15 6.24
N ASN A 40 6.23 -9.23 7.13
CA ASN A 40 4.94 -8.57 7.05
C ASN A 40 4.96 -7.32 6.16
N TYR A 41 5.13 -7.54 4.85
CA TYR A 41 5.15 -6.47 3.86
C TYR A 41 4.24 -6.88 2.71
N VAL A 42 3.78 -5.90 1.94
CA VAL A 42 2.96 -6.19 0.78
C VAL A 42 3.48 -5.32 -0.35
N TYR A 43 3.44 -5.86 -1.56
CA TYR A 43 3.92 -5.14 -2.74
C TYR A 43 2.76 -4.85 -3.68
N VAL A 44 2.57 -3.57 -4.00
CA VAL A 44 1.47 -3.18 -4.87
C VAL A 44 1.95 -2.29 -6.00
N ALA A 45 1.11 -2.11 -7.01
CA ALA A 45 1.49 -1.30 -8.16
C ALA A 45 0.72 0.02 -8.21
N PHE A 46 1.46 1.11 -8.36
CA PHE A 46 0.86 2.43 -8.41
C PHE A 46 1.07 3.08 -9.77
N ASP A 47 -0.01 3.35 -10.49
CA ASP A 47 0.11 4.00 -11.78
C ASP A 47 0.17 5.50 -11.52
N VAL A 48 1.35 6.08 -11.72
CA VAL A 48 1.55 7.51 -11.48
C VAL A 48 1.76 8.35 -12.73
N LEU A 49 0.95 9.38 -12.89
CA LEU A 49 1.07 10.28 -14.03
C LEU A 49 2.26 11.22 -13.79
N PRO A 50 3.00 11.56 -14.85
CA PRO A 50 4.19 12.43 -14.78
C PRO A 50 4.04 13.70 -13.94
N GLU A 51 2.89 14.37 -14.03
CA GLU A 51 2.66 15.62 -13.29
C GLU A 51 2.49 15.38 -11.80
N ASN A 52 2.15 14.15 -11.45
CA ASN A 52 1.95 13.81 -10.05
C ASN A 52 3.17 13.22 -9.37
N LEU A 53 4.25 13.03 -10.13
CA LEU A 53 5.45 12.45 -9.55
C LEU A 53 6.01 13.29 -8.41
N LYS A 54 5.80 14.61 -8.50
CA LYS A 54 6.29 15.51 -7.47
C LYS A 54 5.64 15.33 -6.10
N TYR A 55 4.56 14.56 -6.03
CA TYR A 55 3.87 14.35 -4.75
C TYR A 55 4.11 12.99 -4.08
N VAL A 56 4.79 12.09 -4.76
CA VAL A 56 4.98 10.76 -4.20
C VAL A 56 5.91 10.61 -3.01
N ILE A 57 7.11 11.18 -3.09
CA ILE A 57 8.06 11.03 -2.00
C ILE A 57 7.50 11.54 -0.67
N ASP A 58 7.00 12.77 -0.64
CA ASP A 58 6.45 13.30 0.60
C ASP A 58 5.19 12.55 1.03
N GLY A 59 4.54 11.88 0.08
CA GLY A 59 3.34 11.14 0.44
C GLY A 59 3.77 9.84 1.10
N ALA A 60 4.79 9.23 0.51
CA ALA A 60 5.32 7.98 1.03
C ALA A 60 5.88 8.20 2.44
N LYS A 61 6.57 9.32 2.64
CA LYS A 61 7.14 9.63 3.94
C LYS A 61 6.05 9.85 4.96
N ALA A 62 5.02 10.58 4.58
CA ALA A 62 3.91 10.86 5.45
C ALA A 62 3.13 9.58 5.80
N LEU A 63 3.00 8.69 4.83
CA LEU A 63 2.26 7.45 4.99
C LEU A 63 3.04 6.34 5.67
N GLY A 64 4.34 6.34 5.50
CA GLY A 64 5.12 5.29 6.13
C GLY A 64 5.39 4.17 5.15
N ILE A 65 5.24 4.49 3.87
CA ILE A 65 5.52 3.52 2.83
C ILE A 65 7.03 3.31 2.93
N VAL A 66 7.47 2.06 3.00
CA VAL A 66 8.89 1.77 3.16
C VAL A 66 9.77 1.99 1.94
N GLY A 67 9.25 1.78 0.74
CA GLY A 67 10.06 1.97 -0.45
C GLY A 67 9.30 1.76 -1.74
N PHE A 68 10.01 1.82 -2.85
CA PHE A 68 9.42 1.65 -4.18
C PHE A 68 10.41 1.06 -5.16
N ASN A 69 9.84 0.68 -6.29
CA ASN A 69 10.60 0.24 -7.44
C ASN A 69 10.10 1.34 -8.37
N VAL A 70 10.94 1.78 -9.31
CA VAL A 70 10.57 2.83 -10.23
C VAL A 70 10.81 2.31 -11.64
N THR A 71 9.87 2.58 -12.54
CA THR A 71 10.03 2.13 -13.91
C THR A 71 9.59 3.24 -14.87
N ILE A 72 9.54 2.95 -16.16
CA ILE A 72 9.15 3.96 -17.15
C ILE A 72 7.85 4.63 -16.71
N PRO A 73 7.76 5.97 -16.81
CA PRO A 73 8.78 6.90 -17.31
C PRO A 73 9.30 7.82 -16.22
N HIS A 74 9.55 7.24 -15.05
CA HIS A 74 9.99 8.05 -13.92
C HIS A 74 11.41 7.83 -13.41
N LYS A 75 12.15 6.82 -13.90
CA LYS A 75 13.48 6.62 -13.28
C LYS A 75 14.51 7.74 -13.38
N ILE A 76 14.31 8.68 -14.29
CA ILE A 76 15.21 9.82 -14.44
C ILE A 76 14.65 11.00 -13.62
N GLU A 77 13.35 11.25 -13.77
CA GLU A 77 12.68 12.37 -13.09
C GLU A 77 12.47 12.25 -11.59
N ILE A 78 12.44 11.03 -11.07
CA ILE A 78 12.24 10.83 -9.62
C ILE A 78 13.47 11.32 -8.84
N MET A 79 14.63 11.28 -9.48
CA MET A 79 15.88 11.70 -8.83
C MET A 79 15.87 13.07 -8.17
N LYS A 80 15.15 14.03 -8.74
CA LYS A 80 15.13 15.36 -8.16
C LYS A 80 14.23 15.49 -6.93
N TYR A 81 13.57 14.40 -6.57
CA TYR A 81 12.67 14.41 -5.42
C TYR A 81 13.23 13.60 -4.25
N LEU A 82 14.36 12.94 -4.47
CA LEU A 82 15.01 12.13 -3.45
C LEU A 82 16.03 12.93 -2.65
N ASP A 83 16.33 12.45 -1.45
CA ASP A 83 17.28 13.11 -0.55
C ASP A 83 18.72 12.74 -0.87
N GLU A 84 18.93 11.51 -1.32
CA GLU A 84 20.27 11.03 -1.66
C GLU A 84 20.16 10.05 -2.82
N ILE A 85 21.29 9.81 -3.49
CA ILE A 85 21.32 8.87 -4.58
C ILE A 85 22.62 8.07 -4.54
N ASP A 86 22.50 6.76 -4.62
CA ASP A 86 23.63 5.85 -4.60
C ASP A 86 24.55 6.12 -5.78
N LYS A 87 25.86 6.00 -5.56
CA LYS A 87 26.85 6.23 -6.63
C LYS A 87 26.50 5.44 -7.88
N ASP A 88 26.36 4.14 -7.71
CA ASP A 88 26.05 3.23 -8.80
C ASP A 88 24.83 3.76 -9.55
N ALA A 89 23.99 4.49 -8.83
CA ALA A 89 22.80 5.09 -9.41
C ALA A 89 23.18 6.37 -10.12
N GLN A 90 23.97 7.21 -9.44
CA GLN A 90 24.40 8.49 -10.02
C GLN A 90 25.18 8.28 -11.30
N LEU A 91 25.89 7.15 -11.38
CA LEU A 91 26.67 6.83 -12.57
C LEU A 91 25.76 6.57 -13.76
N ILE A 92 24.88 5.58 -13.62
CA ILE A 92 23.95 5.22 -14.68
C ILE A 92 22.98 6.36 -15.00
N GLY A 93 22.75 7.24 -14.02
CA GLY A 93 21.86 8.36 -14.22
C GLY A 93 20.38 8.02 -14.11
N ALA A 94 20.07 6.90 -13.45
CA ALA A 94 18.67 6.49 -13.30
C ALA A 94 18.44 5.64 -12.04
N VAL A 95 17.30 5.85 -11.40
CA VAL A 95 16.94 5.12 -10.18
C VAL A 95 15.77 4.15 -10.43
N ASN A 96 15.90 2.92 -9.96
CA ASN A 96 14.82 1.93 -10.14
C ASN A 96 14.41 1.32 -8.80
N THR A 97 15.03 1.77 -7.72
CA THR A 97 14.75 1.28 -6.38
C THR A 97 14.88 2.40 -5.38
N ILE A 98 13.91 2.50 -4.47
CA ILE A 98 13.93 3.56 -3.47
C ILE A 98 13.63 3.02 -2.08
N LYS A 99 14.33 3.57 -1.09
CA LYS A 99 14.16 3.16 0.28
C LYS A 99 13.97 4.42 1.08
N ILE A 100 12.94 4.45 1.91
CA ILE A 100 12.65 5.60 2.75
C ILE A 100 12.90 5.21 4.21
N GLU A 101 13.82 5.91 4.86
CA GLU A 101 14.14 5.62 6.25
C GLU A 101 14.65 6.85 6.99
N ASP A 102 13.99 7.18 8.09
CA ASP A 102 14.37 8.33 8.90
C ASP A 102 14.16 9.64 8.15
N GLY A 103 13.03 9.75 7.46
CA GLY A 103 12.72 10.97 6.74
C GLY A 103 13.58 11.19 5.49
N LYS A 104 14.49 10.27 5.24
CA LYS A 104 15.38 10.35 4.08
C LYS A 104 15.01 9.32 3.03
N ALA A 105 14.80 9.77 1.80
CA ALA A 105 14.46 8.88 0.69
C ALA A 105 15.73 8.72 -0.13
N ILE A 106 16.24 7.49 -0.20
CA ILE A 106 17.47 7.22 -0.95
C ILE A 106 17.20 6.44 -2.24
N GLY A 107 17.86 6.86 -3.32
CA GLY A 107 17.71 6.19 -4.60
C GLY A 107 18.82 5.18 -4.85
N TYR A 108 18.47 4.08 -5.51
CA TYR A 108 19.41 3.03 -5.84
C TYR A 108 19.08 2.56 -7.25
N ASN A 109 19.94 1.73 -7.81
CA ASN A 109 19.71 1.16 -9.13
C ASN A 109 20.34 -0.22 -9.09
N THR A 110 19.49 -1.24 -9.14
CA THR A 110 19.94 -2.61 -9.06
C THR A 110 19.93 -3.31 -10.40
N ASP A 111 19.52 -2.61 -11.46
CA ASP A 111 19.50 -3.21 -12.78
C ASP A 111 20.91 -3.68 -13.15
N GLY A 112 21.90 -2.88 -12.77
CA GLY A 112 23.28 -3.22 -13.06
C GLY A 112 23.71 -4.50 -12.37
N ILE A 113 23.65 -4.52 -11.04
CA ILE A 113 24.05 -5.71 -10.29
C ILE A 113 23.25 -6.94 -10.75
N GLY A 114 21.97 -6.73 -10.99
CA GLY A 114 21.12 -7.82 -11.44
C GLY A 114 21.67 -8.57 -12.64
N ALA A 115 21.98 -7.84 -13.71
CA ALA A 115 22.51 -8.45 -14.92
C ALA A 115 23.84 -9.15 -14.66
N ARG A 116 24.54 -8.72 -13.62
CA ARG A 116 25.81 -9.34 -13.27
C ARG A 116 25.50 -10.66 -12.58
N MET A 117 24.70 -10.60 -11.52
CA MET A 117 24.32 -11.79 -10.77
C MET A 117 23.70 -12.80 -11.72
N ALA A 118 22.93 -12.30 -12.69
CA ALA A 118 22.28 -13.19 -13.66
C ALA A 118 23.36 -14.06 -14.33
N LEU A 119 24.55 -13.49 -14.46
CA LEU A 119 25.68 -14.17 -15.07
C LEU A 119 26.47 -15.00 -14.05
N GLU A 120 27.15 -14.32 -13.14
CA GLU A 120 27.96 -15.00 -12.14
C GLU A 120 27.25 -16.21 -11.55
N GLU A 121 26.09 -15.99 -10.94
CA GLU A 121 25.32 -17.08 -10.33
C GLU A 121 25.18 -18.27 -11.28
N GLU A 122 25.54 -18.08 -12.54
CA GLU A 122 25.42 -19.13 -13.54
C GLU A 122 26.77 -19.56 -14.13
N ILE A 123 27.79 -18.70 -14.03
CA ILE A 123 29.12 -19.02 -14.56
C ILE A 123 30.26 -18.48 -13.70
N GLY A 124 29.95 -18.14 -12.45
CA GLY A 124 30.97 -17.63 -11.56
C GLY A 124 31.45 -16.23 -11.86
N ARG A 125 32.20 -15.68 -10.92
CA ARG A 125 32.78 -14.34 -11.00
C ARG A 125 33.14 -13.95 -12.43
N VAL A 126 32.78 -12.73 -12.81
CA VAL A 126 33.09 -12.21 -14.15
C VAL A 126 33.97 -10.97 -14.07
N LYS A 127 35.24 -11.16 -14.36
CA LYS A 127 36.22 -10.10 -14.33
C LYS A 127 37.23 -10.38 -15.45
N ASP A 128 37.85 -9.32 -15.96
CA ASP A 128 38.81 -9.44 -17.04
C ASP A 128 38.35 -10.45 -18.09
N LYS A 129 37.41 -10.01 -18.92
CA LYS A 129 36.88 -10.85 -19.99
C LYS A 129 36.40 -9.97 -21.12
N ASN A 130 36.22 -10.59 -22.29
CA ASN A 130 35.76 -9.89 -23.47
C ASN A 130 34.24 -10.05 -23.56
N ILE A 131 33.53 -8.95 -23.30
CA ILE A 131 32.08 -8.99 -23.34
C ILE A 131 31.48 -7.97 -24.32
N VAL A 132 30.58 -8.46 -25.17
CA VAL A 132 29.92 -7.61 -26.15
C VAL A 132 28.45 -7.40 -25.75
N ILE A 133 28.04 -6.13 -25.72
CA ILE A 133 26.67 -5.76 -25.37
C ILE A 133 25.94 -5.19 -26.57
N TYR A 134 24.97 -5.94 -27.09
CA TYR A 134 24.18 -5.49 -28.23
C TYR A 134 23.08 -4.57 -27.72
N GLY A 135 23.03 -3.36 -28.24
CA GLY A 135 22.03 -2.41 -27.80
C GLY A 135 22.68 -1.24 -27.09
N ALA A 136 21.93 -0.18 -26.85
CA ALA A 136 22.50 0.98 -26.18
C ALA A 136 21.46 1.75 -25.38
N GLY A 137 20.29 1.15 -25.20
CA GLY A 137 19.22 1.80 -24.45
C GLY A 137 19.46 1.70 -22.96
N GLY A 138 18.38 1.86 -22.19
CA GLY A 138 18.48 1.77 -20.74
C GLY A 138 19.05 0.48 -20.21
N ALA A 139 18.69 -0.65 -20.81
CA ALA A 139 19.19 -1.95 -20.33
C ALA A 139 20.68 -2.07 -20.59
N ALA A 140 21.09 -1.89 -21.84
CA ALA A 140 22.50 -1.98 -22.20
C ALA A 140 23.34 -1.01 -21.38
N ARG A 141 22.74 0.13 -21.04
CA ARG A 141 23.45 1.15 -20.27
C ARG A 141 23.76 0.69 -18.85
N ALA A 142 22.75 0.15 -18.14
CA ALA A 142 22.96 -0.31 -16.79
C ALA A 142 23.95 -1.48 -16.78
N VAL A 143 23.74 -2.43 -17.70
CA VAL A 143 24.62 -3.59 -17.83
C VAL A 143 26.08 -3.16 -18.02
N ALA A 144 26.30 -2.33 -19.04
CA ALA A 144 27.62 -1.82 -19.38
C ALA A 144 28.31 -1.13 -18.21
N PHE A 145 27.63 -0.19 -17.56
CA PHE A 145 28.25 0.52 -16.44
C PHE A 145 28.69 -0.42 -15.33
N GLU A 146 28.09 -1.61 -15.28
CA GLU A 146 28.45 -2.59 -14.25
C GLU A 146 29.55 -3.55 -14.69
N LEU A 147 29.39 -4.13 -15.88
CA LEU A 147 30.38 -5.07 -16.40
C LEU A 147 31.66 -4.39 -16.88
N ALA A 148 31.64 -3.07 -17.03
CA ALA A 148 32.81 -2.33 -17.48
C ALA A 148 33.74 -2.04 -16.31
N LYS A 149 33.23 -2.20 -15.10
CA LYS A 149 34.02 -1.95 -13.89
C LYS A 149 35.25 -2.85 -13.84
N ASP A 150 35.11 -4.06 -14.37
CA ASP A 150 36.19 -5.03 -14.34
C ASP A 150 36.27 -5.90 -15.59
N ASN A 151 35.68 -5.44 -16.69
CA ASN A 151 35.72 -6.21 -17.93
C ASN A 151 35.91 -5.33 -19.16
N ASN A 152 36.30 -5.98 -20.26
CA ASN A 152 36.47 -5.31 -21.52
C ASN A 152 35.11 -5.44 -22.18
N ILE A 153 34.44 -4.32 -22.42
CA ILE A 153 33.13 -4.36 -23.03
C ILE A 153 33.09 -3.65 -24.37
N ILE A 154 32.29 -4.19 -25.28
CA ILE A 154 32.12 -3.61 -26.60
C ILE A 154 30.63 -3.38 -26.81
N ILE A 155 30.25 -2.11 -26.84
CA ILE A 155 28.86 -1.73 -27.05
C ILE A 155 28.57 -1.64 -28.55
N ALA A 156 27.84 -2.63 -29.07
CA ALA A 156 27.47 -2.67 -30.48
C ALA A 156 26.02 -2.22 -30.64
N ASN A 157 25.74 -1.37 -31.62
CA ASN A 157 24.39 -0.88 -31.79
C ASN A 157 24.04 -0.53 -33.25
N ARG A 158 22.74 -0.49 -33.54
CA ARG A 158 22.28 -0.14 -34.87
C ARG A 158 22.75 1.28 -35.20
N THR A 159 22.49 2.21 -34.30
CA THR A 159 22.93 3.59 -34.51
C THR A 159 24.25 3.75 -33.72
N VAL A 160 25.38 3.66 -34.42
CA VAL A 160 26.68 3.75 -33.76
C VAL A 160 26.87 4.99 -32.91
N GLU A 161 26.39 6.13 -33.38
CA GLU A 161 26.53 7.39 -32.65
C GLU A 161 26.16 7.14 -31.19
N LYS A 162 25.08 6.40 -30.99
CA LYS A 162 24.61 6.08 -29.64
C LYS A 162 25.61 5.20 -28.92
N ALA A 163 26.17 4.25 -29.65
CA ALA A 163 27.16 3.33 -29.09
C ALA A 163 28.40 4.11 -28.67
N GLU A 164 28.91 4.95 -29.58
CA GLU A 164 30.10 5.75 -29.29
C GLU A 164 29.90 6.60 -28.05
N ALA A 165 28.78 7.32 -27.99
CA ALA A 165 28.46 8.17 -26.86
C ALA A 165 28.46 7.42 -25.54
N LEU A 166 27.88 6.22 -25.52
CA LEU A 166 27.83 5.44 -24.27
C LEU A 166 29.21 4.95 -23.85
N ALA A 167 29.99 4.45 -24.81
CA ALA A 167 31.33 3.95 -24.51
C ALA A 167 32.23 5.04 -23.93
N LYS A 168 32.08 6.26 -24.43
CA LYS A 168 32.87 7.39 -23.94
C LYS A 168 32.50 7.77 -22.52
N GLU A 169 31.20 7.76 -22.24
CA GLU A 169 30.70 8.11 -20.92
C GLU A 169 31.17 7.09 -19.88
N ILE A 170 31.22 5.83 -20.29
CA ILE A 170 31.65 4.77 -19.38
C ILE A 170 33.15 4.86 -19.09
N ALA A 171 33.95 4.90 -20.16
CA ALA A 171 35.40 5.01 -20.03
C ALA A 171 35.75 6.20 -19.15
N GLU A 172 35.08 7.33 -19.43
CA GLU A 172 35.31 8.55 -18.66
C GLU A 172 34.97 8.34 -17.19
N LYS A 173 33.67 8.21 -16.90
CA LYS A 173 33.21 8.04 -15.53
C LYS A 173 33.89 6.93 -14.74
N LEU A 174 34.15 5.80 -15.37
CA LEU A 174 34.81 4.71 -14.65
C LEU A 174 36.34 4.74 -14.82
N ASN A 175 36.82 5.71 -15.59
CA ASN A 175 38.26 5.86 -15.84
C ASN A 175 38.88 4.61 -16.47
N LYS A 176 38.61 4.42 -17.75
CA LYS A 176 39.14 3.29 -18.51
C LYS A 176 39.62 3.79 -19.87
N LYS A 177 40.37 2.94 -20.57
CA LYS A 177 40.89 3.29 -21.88
C LYS A 177 39.77 3.14 -22.89
N PHE A 178 39.47 4.23 -23.59
CA PHE A 178 38.41 4.24 -24.59
C PHE A 178 38.52 3.12 -25.61
N GLY A 179 39.22 3.38 -26.71
CA GLY A 179 39.37 2.39 -27.76
C GLY A 179 39.88 1.02 -27.37
N GLU A 180 40.05 0.77 -26.07
CA GLU A 180 40.56 -0.53 -25.63
C GLU A 180 39.68 -1.29 -24.64
N GLU A 181 39.48 -0.73 -23.45
CA GLU A 181 38.65 -1.38 -22.43
C GLU A 181 37.16 -1.21 -22.71
N VAL A 182 36.77 -0.03 -23.17
CA VAL A 182 35.40 0.28 -23.49
C VAL A 182 35.31 0.65 -24.97
N LYS A 183 34.91 -0.30 -25.81
CA LYS A 183 34.80 -0.06 -27.23
C LYS A 183 33.35 0.05 -27.68
N PHE A 184 33.17 0.48 -28.93
CA PHE A 184 31.85 0.63 -29.53
C PHE A 184 31.96 0.14 -30.96
N SER A 185 30.83 -0.16 -31.58
CA SER A 185 30.82 -0.63 -32.96
C SER A 185 29.40 -0.87 -33.44
N GLY A 186 29.28 -1.29 -34.70
CA GLY A 186 27.97 -1.58 -35.25
C GLY A 186 27.61 -2.99 -34.85
N LEU A 187 26.46 -3.46 -35.29
CA LEU A 187 26.02 -4.82 -34.95
C LEU A 187 26.83 -5.84 -35.73
N ASP A 188 27.74 -5.36 -36.57
CA ASP A 188 28.57 -6.20 -37.41
C ASP A 188 29.81 -6.78 -36.72
N VAL A 189 30.25 -6.17 -35.62
CA VAL A 189 31.43 -6.63 -34.88
C VAL A 189 31.54 -8.16 -34.81
N ASP A 190 32.77 -8.67 -34.97
CA ASP A 190 33.02 -10.11 -34.93
C ASP A 190 33.34 -10.59 -33.51
N LEU A 191 33.00 -11.85 -33.25
CA LEU A 191 33.18 -12.43 -31.93
C LEU A 191 34.44 -13.29 -31.74
N ASP A 192 35.53 -12.91 -32.40
CA ASP A 192 36.77 -13.67 -32.26
C ASP A 192 37.45 -13.29 -30.95
N GLY A 193 37.41 -14.22 -30.00
CA GLY A 193 38.01 -13.97 -28.69
C GLY A 193 36.99 -13.45 -27.70
N VAL A 194 35.74 -13.31 -28.16
CA VAL A 194 34.65 -12.83 -27.32
C VAL A 194 34.11 -13.93 -26.41
N ASP A 195 34.26 -13.72 -25.11
CA ASP A 195 33.82 -14.68 -24.11
C ASP A 195 32.31 -14.68 -23.86
N ILE A 196 31.69 -13.49 -23.86
CA ILE A 196 30.25 -13.38 -23.61
C ILE A 196 29.54 -12.28 -24.39
N ILE A 197 28.38 -12.60 -24.95
CA ILE A 197 27.57 -11.62 -25.67
C ILE A 197 26.23 -11.49 -24.95
N ILE A 198 25.77 -10.26 -24.78
CA ILE A 198 24.51 -9.98 -24.09
C ILE A 198 23.60 -9.15 -24.99
N ASN A 199 22.42 -9.68 -25.29
CA ASN A 199 21.46 -8.98 -26.13
C ASN A 199 20.58 -8.05 -25.29
N ALA A 200 20.78 -6.75 -25.48
CA ALA A 200 20.00 -5.76 -24.75
C ALA A 200 19.10 -5.01 -25.72
N THR A 201 18.56 -5.75 -26.69
CA THR A 201 17.65 -5.19 -27.70
C THR A 201 16.37 -6.02 -27.67
N PRO A 202 15.28 -5.49 -28.25
CA PRO A 202 14.00 -6.20 -28.29
C PRO A 202 13.85 -7.21 -29.43
N ILE A 203 14.92 -7.46 -30.16
CA ILE A 203 14.84 -8.41 -31.27
C ILE A 203 14.51 -9.82 -30.80
N GLY A 204 13.39 -10.34 -31.28
CA GLY A 204 12.97 -11.68 -30.89
C GLY A 204 11.90 -11.66 -29.82
N MET A 205 11.70 -10.50 -29.21
CA MET A 205 10.70 -10.33 -28.15
C MET A 205 9.28 -10.29 -28.76
N TYR A 206 8.33 -10.87 -28.04
CA TYR A 206 6.93 -10.91 -28.45
C TYR A 206 6.42 -9.49 -28.76
N PRO A 207 5.56 -9.33 -29.79
CA PRO A 207 4.97 -10.30 -30.72
C PRO A 207 5.81 -10.62 -31.95
N ASN A 208 6.93 -9.92 -32.11
CA ASN A 208 7.81 -10.14 -33.25
C ASN A 208 8.89 -11.17 -32.90
N ILE A 209 8.45 -12.39 -32.64
CA ILE A 209 9.33 -13.50 -32.26
C ILE A 209 9.93 -14.24 -33.44
N ASP A 210 9.23 -14.27 -34.56
CA ASP A 210 9.69 -14.98 -35.75
C ASP A 210 10.65 -14.20 -36.66
N VAL A 211 11.43 -13.29 -36.06
CA VAL A 211 12.40 -12.52 -36.82
C VAL A 211 13.76 -13.20 -36.66
N GLU A 212 14.69 -12.91 -37.57
CA GLU A 212 16.02 -13.53 -37.49
C GLU A 212 16.85 -12.89 -36.37
N PRO A 213 17.60 -13.73 -35.63
CA PRO A 213 18.45 -13.33 -34.51
C PRO A 213 19.40 -12.15 -34.72
N ILE A 214 19.89 -11.61 -33.61
CA ILE A 214 20.80 -10.47 -33.62
C ILE A 214 22.16 -10.91 -34.20
N VAL A 215 22.36 -12.22 -34.27
CA VAL A 215 23.60 -12.79 -34.81
C VAL A 215 23.34 -14.20 -35.31
N LYS A 216 23.71 -14.49 -36.55
CA LYS A 216 23.50 -15.80 -37.15
C LYS A 216 24.31 -16.90 -36.47
N ALA A 217 24.14 -18.13 -36.95
CA ALA A 217 24.83 -19.29 -36.39
C ALA A 217 26.34 -19.25 -36.70
N GLU A 218 26.67 -18.82 -37.91
CA GLU A 218 28.07 -18.75 -38.34
C GLU A 218 29.03 -18.14 -37.33
N LYS A 219 28.65 -17.03 -36.70
CA LYS A 219 29.53 -16.37 -35.73
C LYS A 219 29.45 -16.95 -34.32
N LEU A 220 28.52 -17.87 -34.10
CA LEU A 220 28.35 -18.48 -32.79
C LEU A 220 29.26 -19.68 -32.57
N ARG A 221 29.68 -19.86 -31.32
CA ARG A 221 30.57 -20.96 -30.94
C ARG A 221 30.06 -21.62 -29.65
N GLU A 222 30.74 -22.68 -29.22
CA GLU A 222 30.35 -23.38 -27.99
C GLU A 222 31.01 -22.76 -26.78
N ASP A 223 32.30 -22.46 -26.91
CA ASP A 223 33.08 -21.87 -25.84
C ASP A 223 32.55 -20.52 -25.34
N MET A 224 31.44 -20.07 -25.90
CA MET A 224 30.84 -18.80 -25.51
C MET A 224 29.64 -18.92 -24.56
N VAL A 225 29.18 -17.76 -24.10
CA VAL A 225 28.04 -17.66 -23.21
C VAL A 225 27.13 -16.58 -23.80
N VAL A 226 25.92 -16.97 -24.19
CA VAL A 226 24.98 -16.02 -24.79
C VAL A 226 23.77 -15.73 -23.91
N MET A 227 23.78 -14.59 -23.21
CA MET A 227 22.66 -14.21 -22.37
C MET A 227 21.75 -13.22 -23.08
N ASP A 228 20.46 -13.44 -22.98
CA ASP A 228 19.47 -12.59 -23.63
C ASP A 228 18.56 -11.97 -22.56
N LEU A 229 18.57 -10.66 -22.47
CA LEU A 229 17.76 -9.96 -21.47
C LEU A 229 16.24 -10.12 -21.69
N ILE A 230 15.85 -10.44 -22.91
CA ILE A 230 14.43 -10.63 -23.21
C ILE A 230 13.87 -11.78 -22.36
N TYR A 231 12.59 -11.71 -22.04
CA TYR A 231 11.94 -12.76 -21.27
C TYR A 231 10.50 -13.03 -21.72
N ASN A 232 10.26 -12.85 -23.02
CA ASN A 232 8.96 -13.09 -23.61
C ASN A 232 9.09 -13.27 -25.12
N PRO A 233 9.29 -14.51 -25.58
CA PRO A 233 9.39 -15.74 -24.77
C PRO A 233 10.79 -15.94 -24.18
N LEU A 234 10.88 -16.79 -23.16
CA LEU A 234 12.16 -17.05 -22.51
C LEU A 234 13.25 -17.50 -23.47
N GLU A 235 12.96 -18.53 -24.27
CA GLU A 235 13.92 -19.02 -25.24
C GLU A 235 13.66 -18.34 -26.59
N THR A 236 14.48 -17.32 -26.87
CA THR A 236 14.35 -16.55 -28.11
C THR A 236 15.00 -17.21 -29.30
N VAL A 237 14.93 -16.55 -30.45
CA VAL A 237 15.53 -17.06 -31.67
C VAL A 237 17.04 -16.95 -31.54
N LEU A 238 17.49 -16.11 -30.62
CA LEU A 238 18.92 -15.93 -30.37
C LEU A 238 19.47 -17.10 -29.58
N LEU A 239 18.67 -17.60 -28.64
CA LEU A 239 19.09 -18.72 -27.81
C LEU A 239 19.02 -20.04 -28.58
N LYS A 240 18.13 -20.09 -29.57
CA LYS A 240 18.00 -21.28 -30.39
C LYS A 240 19.30 -21.38 -31.19
N GLU A 241 19.60 -20.30 -31.90
CA GLU A 241 20.80 -20.20 -32.72
C GLU A 241 22.04 -20.57 -31.90
N ALA A 242 22.00 -20.30 -30.60
CA ALA A 242 23.12 -20.59 -29.72
C ALA A 242 23.09 -22.00 -29.13
N LYS A 243 21.95 -22.67 -29.28
CA LYS A 243 21.79 -24.03 -28.77
C LYS A 243 22.32 -25.02 -29.80
N LYS A 244 22.27 -24.63 -31.07
CA LYS A 244 22.76 -25.47 -32.16
C LYS A 244 24.29 -25.39 -32.23
N VAL A 245 24.90 -25.05 -31.09
CA VAL A 245 26.35 -24.94 -30.98
C VAL A 245 26.80 -25.09 -29.53
N ASN A 246 25.94 -25.73 -28.72
CA ASN A 246 26.23 -25.99 -27.31
C ASN A 246 26.75 -24.82 -26.46
N ALA A 247 26.28 -23.61 -26.76
CA ALA A 247 26.72 -22.45 -26.00
C ALA A 247 25.90 -22.36 -24.72
N LYS A 248 26.50 -21.81 -23.66
CA LYS A 248 25.80 -21.69 -22.38
C LYS A 248 24.78 -20.55 -22.45
N THR A 249 23.50 -20.91 -22.66
CA THR A 249 22.44 -19.92 -22.74
C THR A 249 21.87 -19.49 -21.39
N ILE A 250 21.44 -18.24 -21.34
CA ILE A 250 20.84 -17.65 -20.14
C ILE A 250 19.71 -16.75 -20.62
N ASN A 251 18.52 -16.94 -20.09
CA ASN A 251 17.39 -16.11 -20.51
C ASN A 251 17.21 -14.89 -19.61
N GLY A 252 16.31 -14.00 -20.00
CA GLY A 252 16.08 -12.78 -19.25
C GLY A 252 15.60 -12.96 -17.82
N LEU A 253 15.09 -14.14 -17.51
CA LEU A 253 14.59 -14.42 -16.16
C LEU A 253 15.63 -14.06 -15.10
N GLY A 254 16.90 -14.29 -15.41
CA GLY A 254 17.96 -14.00 -14.46
C GLY A 254 18.06 -12.55 -14.01
N MET A 255 18.11 -11.63 -14.96
CA MET A 255 18.22 -10.22 -14.60
C MET A 255 16.98 -9.74 -13.87
N LEU A 256 15.80 -10.06 -14.41
CA LEU A 256 14.52 -9.68 -13.81
C LEU A 256 14.41 -10.06 -12.34
N ILE A 257 14.74 -11.31 -12.03
CA ILE A 257 14.66 -11.80 -10.66
C ILE A 257 15.70 -11.19 -9.74
N TYR A 258 16.97 -11.30 -10.11
CA TYR A 258 18.06 -10.74 -9.31
C TYR A 258 17.94 -9.23 -9.13
N GLN A 259 17.49 -8.53 -10.16
CA GLN A 259 17.30 -7.10 -10.05
C GLN A 259 16.39 -6.87 -8.84
N GLY A 260 15.35 -7.68 -8.74
CA GLY A 260 14.43 -7.57 -7.62
C GLY A 260 15.05 -8.04 -6.31
N ALA A 261 15.78 -9.14 -6.37
CA ALA A 261 16.42 -9.70 -5.18
C ALA A 261 17.25 -8.68 -4.40
N VAL A 262 17.96 -7.81 -5.11
CA VAL A 262 18.79 -6.81 -4.45
C VAL A 262 17.89 -5.74 -3.82
N ALA A 263 16.83 -5.36 -4.52
CA ALA A 263 15.90 -4.35 -3.97
C ALA A 263 15.31 -4.91 -2.67
N PHE A 264 14.87 -6.17 -2.73
CA PHE A 264 14.30 -6.86 -1.58
C PHE A 264 15.22 -6.69 -0.38
N LYS A 265 16.51 -6.98 -0.59
CA LYS A 265 17.52 -6.85 0.46
C LYS A 265 17.52 -5.43 1.01
N ILE A 266 17.52 -4.45 0.12
CA ILE A 266 17.53 -3.06 0.54
C ILE A 266 16.34 -2.64 1.40
N TRP A 267 15.16 -3.17 1.08
CA TRP A 267 13.97 -2.82 1.85
C TRP A 267 13.87 -3.54 3.18
N THR A 268 14.07 -4.86 3.14
CA THR A 268 13.94 -5.72 4.32
C THR A 268 15.19 -6.04 5.11
N GLY A 269 16.36 -5.89 4.48
CA GLY A 269 17.60 -6.20 5.16
C GLY A 269 17.82 -7.71 5.16
N VAL A 270 16.97 -8.45 4.44
CA VAL A 270 17.10 -9.89 4.38
C VAL A 270 17.14 -10.35 2.94
N GLU A 271 17.90 -11.41 2.68
CA GLU A 271 18.01 -11.93 1.32
C GLU A 271 16.85 -12.89 1.04
N PRO A 272 16.20 -12.71 -0.10
CA PRO A 272 15.06 -13.53 -0.51
C PRO A 272 15.45 -14.83 -1.20
N ASN A 273 14.53 -15.78 -1.22
CA ASN A 273 14.76 -17.07 -1.86
C ASN A 273 14.55 -16.94 -3.38
N ILE A 274 15.63 -17.10 -4.13
CA ILE A 274 15.58 -16.98 -5.59
C ILE A 274 14.63 -17.93 -6.32
N GLU A 275 14.46 -19.14 -5.81
CA GLU A 275 13.58 -20.10 -6.48
C GLU A 275 12.12 -19.74 -6.28
N VAL A 276 11.79 -19.18 -5.11
CA VAL A 276 10.43 -18.77 -4.83
C VAL A 276 10.05 -17.74 -5.87
N MET A 277 10.89 -16.72 -6.01
CA MET A 277 10.66 -15.67 -6.98
C MET A 277 10.47 -16.23 -8.39
N LYS A 278 11.39 -17.10 -8.82
CA LYS A 278 11.31 -17.69 -10.15
C LYS A 278 10.04 -18.50 -10.36
N ASN A 279 9.74 -19.38 -9.40
CA ASN A 279 8.56 -20.23 -9.49
C ASN A 279 7.28 -19.41 -9.52
N ALA A 280 7.29 -18.27 -8.82
CA ALA A 280 6.12 -17.40 -8.80
C ALA A 280 5.93 -16.72 -10.16
N ILE A 281 7.04 -16.28 -10.74
CA ILE A 281 7.04 -15.57 -12.03
C ILE A 281 6.89 -16.52 -13.21
N ILE A 282 7.70 -17.57 -13.23
CA ILE A 282 7.67 -18.56 -14.31
C ILE A 282 6.30 -19.22 -14.40
N ASP A 283 5.63 -19.33 -13.25
CA ASP A 283 4.29 -19.93 -13.20
C ASP A 283 3.27 -18.95 -13.77
N LYS A 284 3.60 -17.65 -13.67
CA LYS A 284 2.72 -16.60 -14.19
C LYS A 284 2.82 -16.54 -15.71
N ILE A 285 4.03 -16.76 -16.25
CA ILE A 285 4.24 -16.75 -17.69
C ILE A 285 3.51 -17.91 -18.35
N THR A 286 3.78 -19.13 -17.88
CA THR A 286 3.12 -20.33 -18.43
C THR A 286 1.71 -20.46 -17.87
N LYS A 287 0.98 -21.48 -18.33
CA LYS A 287 -0.39 -21.71 -17.88
C LYS A 287 -0.45 -21.82 -16.36
N GLY B 1 -11.74 -18.81 -2.00
CA GLY B 1 -10.43 -18.27 -2.49
C GLY B 1 -9.28 -18.53 -1.54
N PRO B 2 -8.09 -17.93 -1.79
CA PRO B 2 -6.92 -18.12 -0.93
C PRO B 2 -7.19 -17.62 0.50
N LEU B 3 -6.37 -18.03 1.46
CA LEU B 3 -6.56 -17.60 2.83
C LEU B 3 -6.22 -16.10 2.95
N GLY B 4 -5.09 -15.71 2.38
CA GLY B 4 -4.67 -14.31 2.41
C GLY B 4 -5.15 -13.59 1.16
N SER B 5 -4.70 -12.35 0.97
CA SER B 5 -5.08 -11.56 -0.20
C SER B 5 -4.16 -11.84 -1.39
N MET B 6 -4.73 -12.25 -2.53
CA MET B 6 -3.92 -12.51 -3.71
C MET B 6 -3.75 -11.20 -4.50
N ILE B 7 -2.67 -10.49 -4.19
CA ILE B 7 -2.38 -9.21 -4.83
C ILE B 7 -1.74 -9.38 -6.20
N ASN B 8 -2.11 -8.51 -7.13
CA ASN B 8 -1.54 -8.51 -8.46
C ASN B 8 -1.27 -7.05 -8.80
N ALA B 9 -0.83 -6.76 -10.02
CA ALA B 9 -0.51 -5.38 -10.40
C ALA B 9 -1.71 -4.47 -10.62
N LYS B 10 -2.91 -5.01 -10.44
CA LYS B 10 -4.13 -4.24 -10.62
C LYS B 10 -4.86 -3.97 -9.29
N THR B 11 -4.42 -4.63 -8.23
CA THR B 11 -5.05 -4.46 -6.94
C THR B 11 -5.04 -2.98 -6.55
N LYS B 12 -6.19 -2.48 -6.11
CA LYS B 12 -6.30 -1.08 -5.70
C LYS B 12 -6.07 -1.02 -4.19
N VAL B 13 -5.52 0.09 -3.71
CA VAL B 13 -5.24 0.25 -2.29
C VAL B 13 -6.16 1.20 -1.56
N ILE B 14 -6.65 0.76 -0.40
CA ILE B 14 -7.49 1.58 0.46
C ILE B 14 -6.79 1.55 1.82
N GLY B 15 -6.65 2.70 2.45
CA GLY B 15 -5.96 2.67 3.74
C GLY B 15 -6.65 3.38 4.87
N LEU B 16 -6.08 3.18 6.04
CA LEU B 16 -6.54 3.81 7.25
C LEU B 16 -5.40 4.75 7.62
N ILE B 17 -5.72 6.01 7.87
CA ILE B 17 -4.69 6.96 8.28
C ILE B 17 -5.03 7.37 9.70
N GLY B 18 -4.00 7.45 10.54
CA GLY B 18 -4.23 7.82 11.92
C GLY B 18 -2.94 7.65 12.69
N HIS B 19 -3.00 7.83 14.00
CA HIS B 19 -1.82 7.71 14.85
C HIS B 19 -2.26 7.46 16.29
N PRO B 20 -2.03 6.23 16.80
CA PRO B 20 -1.41 5.10 16.10
C PRO B 20 -2.50 4.36 15.31
N VAL B 21 -2.10 3.32 14.58
CA VAL B 21 -3.05 2.53 13.81
C VAL B 21 -2.72 1.04 13.89
N GLU B 22 -1.64 0.71 14.60
CA GLU B 22 -1.20 -0.68 14.70
C GLU B 22 -2.21 -1.65 15.30
N HIS B 23 -3.11 -1.19 16.16
CA HIS B 23 -4.07 -2.11 16.75
C HIS B 23 -5.46 -2.07 16.09
N SER B 24 -5.54 -1.53 14.89
CA SER B 24 -6.82 -1.43 14.19
C SER B 24 -7.26 -2.78 13.63
N PHE B 25 -8.56 -3.05 13.70
CA PHE B 25 -9.10 -4.29 13.17
C PHE B 25 -9.75 -4.04 11.82
N SER B 26 -9.73 -2.78 11.38
CA SER B 26 -10.33 -2.44 10.10
C SER B 26 -9.74 -3.19 8.91
N PRO B 27 -8.41 -3.37 8.86
CA PRO B 27 -7.80 -4.09 7.74
C PRO B 27 -8.36 -5.50 7.65
N ILE B 28 -8.59 -6.08 8.83
CA ILE B 28 -9.12 -7.44 8.94
C ILE B 28 -10.54 -7.51 8.43
N MET B 29 -11.35 -6.55 8.86
CA MET B 29 -12.76 -6.46 8.47
C MET B 29 -12.87 -6.37 6.95
N HIS B 30 -12.27 -5.32 6.36
CA HIS B 30 -12.33 -5.07 4.94
C HIS B 30 -11.68 -6.04 3.99
N ASN B 31 -10.52 -6.59 4.34
CA ASN B 31 -9.92 -7.52 3.42
C ASN B 31 -10.79 -8.78 3.34
N ALA B 32 -11.38 -9.17 4.47
CA ALA B 32 -12.24 -10.33 4.51
C ALA B 32 -13.43 -10.11 3.60
N ALA B 33 -14.01 -8.92 3.66
CA ALA B 33 -15.15 -8.60 2.83
C ALA B 33 -14.78 -8.44 1.35
N PHE B 34 -13.58 -7.92 1.08
CA PHE B 34 -13.12 -7.74 -0.30
C PHE B 34 -13.05 -9.11 -0.97
N LYS B 35 -12.39 -10.06 -0.29
CA LYS B 35 -12.23 -11.42 -0.79
C LYS B 35 -13.55 -12.15 -0.99
N ASP B 36 -14.45 -12.04 -0.02
CA ASP B 36 -15.74 -12.69 -0.12
C ASP B 36 -16.51 -12.25 -1.38
N LYS B 37 -16.26 -11.03 -1.82
CA LYS B 37 -16.95 -10.46 -2.97
C LYS B 37 -16.15 -10.53 -4.27
N GLY B 38 -14.93 -11.04 -4.18
CA GLY B 38 -14.08 -11.16 -5.36
C GLY B 38 -13.54 -9.84 -5.85
N LEU B 39 -13.55 -8.82 -4.97
CA LEU B 39 -13.06 -7.49 -5.36
C LEU B 39 -11.53 -7.39 -5.24
N ASN B 40 -10.92 -6.76 -6.24
CA ASN B 40 -9.46 -6.62 -6.28
C ASN B 40 -8.92 -5.39 -5.54
N TYR B 41 -9.12 -5.35 -4.22
CA TYR B 41 -8.66 -4.25 -3.39
C TYR B 41 -7.95 -4.83 -2.19
N VAL B 42 -7.09 -4.03 -1.58
CA VAL B 42 -6.40 -4.44 -0.38
C VAL B 42 -6.49 -3.24 0.58
N TYR B 43 -6.79 -3.53 1.84
CA TYR B 43 -6.92 -2.50 2.88
C TYR B 43 -5.72 -2.57 3.82
N VAL B 44 -4.98 -1.48 3.94
CA VAL B 44 -3.80 -1.44 4.82
C VAL B 44 -3.87 -0.25 5.78
N ALA B 45 -2.96 -0.20 6.75
CA ALA B 45 -2.96 0.90 7.73
C ALA B 45 -1.72 1.77 7.63
N PHE B 46 -1.94 3.08 7.63
CA PHE B 46 -0.83 4.04 7.53
C PHE B 46 -0.69 4.92 8.80
N ASP B 47 0.48 4.86 9.43
CA ASP B 47 0.75 5.64 10.64
C ASP B 47 1.22 7.04 10.21
N VAL B 48 0.34 8.03 10.32
CA VAL B 48 0.64 9.40 9.89
C VAL B 48 0.71 10.42 11.03
N LEU B 49 1.86 11.05 11.19
CA LEU B 49 2.04 12.09 12.22
C LEU B 49 1.25 13.34 11.84
N PRO B 50 0.68 14.05 12.83
CA PRO B 50 -0.10 15.26 12.59
C PRO B 50 0.61 16.27 11.70
N GLU B 51 1.95 16.34 11.81
CA GLU B 51 2.74 17.29 11.03
C GLU B 51 2.85 16.93 9.55
N ASN B 52 2.61 15.65 9.23
CA ASN B 52 2.70 15.21 7.84
C ASN B 52 1.35 15.00 7.19
N LEU B 53 0.28 15.19 7.95
CA LEU B 53 -1.06 14.99 7.41
C LEU B 53 -1.30 15.74 6.10
N LYS B 54 -0.65 16.88 5.95
CA LYS B 54 -0.82 17.71 4.75
C LYS B 54 -0.28 17.14 3.45
N TYR B 55 0.53 16.09 3.53
CA TYR B 55 1.10 15.48 2.33
C TYR B 55 0.33 14.26 1.84
N VAL B 56 -0.61 13.75 2.64
CA VAL B 56 -1.35 12.53 2.31
C VAL B 56 -2.33 12.52 1.12
N ILE B 57 -3.17 13.54 1.01
CA ILE B 57 -4.16 13.57 -0.07
C ILE B 57 -3.53 13.69 -1.46
N ASP B 58 -2.56 14.59 -1.61
CA ASP B 58 -1.89 14.73 -2.89
C ASP B 58 -1.13 13.43 -3.14
N GLY B 59 -0.60 12.85 -2.08
CA GLY B 59 0.14 11.60 -2.22
C GLY B 59 -0.80 10.53 -2.71
N ALA B 60 -1.96 10.43 -2.05
CA ALA B 60 -2.95 9.45 -2.43
C ALA B 60 -3.36 9.64 -3.90
N LYS B 61 -3.65 10.88 -4.28
CA LYS B 61 -4.06 11.18 -5.64
C LYS B 61 -2.99 10.77 -6.64
N ALA B 62 -1.74 11.03 -6.28
CA ALA B 62 -0.61 10.71 -7.13
C ALA B 62 -0.44 9.22 -7.36
N LEU B 63 -0.55 8.44 -6.29
CA LEU B 63 -0.38 6.98 -6.34
C LEU B 63 -1.58 6.17 -6.82
N GLY B 64 -2.76 6.75 -6.77
CA GLY B 64 -3.94 6.01 -7.18
C GLY B 64 -4.56 5.25 -6.03
N ILE B 65 -4.40 5.78 -4.82
CA ILE B 65 -5.02 5.16 -3.66
C ILE B 65 -6.46 5.66 -3.80
N VAL B 66 -7.41 4.74 -3.76
CA VAL B 66 -8.81 5.08 -3.98
C VAL B 66 -9.63 5.59 -2.81
N GLY B 67 -9.16 5.31 -1.59
CA GLY B 67 -9.90 5.77 -0.43
C GLY B 67 -9.16 5.56 0.87
N PHE B 68 -9.70 6.12 1.94
CA PHE B 68 -9.13 6.01 3.26
C PHE B 68 -10.26 6.00 4.27
N ASN B 69 -9.91 5.62 5.49
CA ASN B 69 -10.81 5.69 6.63
C ASN B 69 -9.92 6.61 7.48
N VAL B 70 -10.52 7.50 8.25
CA VAL B 70 -9.73 8.41 9.07
C VAL B 70 -10.05 8.15 10.54
N THR B 71 -9.02 7.95 11.36
CA THR B 71 -9.27 7.74 12.78
C THR B 71 -8.45 8.74 13.61
N ILE B 72 -8.55 8.65 14.93
CA ILE B 72 -7.81 9.55 15.82
C ILE B 72 -6.35 9.71 15.38
N PRO B 73 -5.83 10.94 15.34
CA PRO B 73 -6.46 12.23 15.68
C PRO B 73 -6.68 13.14 14.47
N HIS B 74 -6.95 12.55 13.31
CA HIS B 74 -7.10 13.33 12.08
C HIS B 74 -8.52 13.62 11.61
N LYS B 75 -9.51 13.07 12.28
CA LYS B 75 -10.89 13.24 11.86
C LYS B 75 -11.37 14.66 11.55
N ILE B 76 -10.66 15.66 12.05
CA ILE B 76 -11.04 17.06 11.80
C ILE B 76 -10.00 17.80 11.00
N GLU B 77 -8.73 17.57 11.30
CA GLU B 77 -7.66 18.25 10.58
C GLU B 77 -7.56 17.84 9.11
N ILE B 78 -8.12 16.69 8.76
CA ILE B 78 -8.05 16.22 7.38
C ILE B 78 -9.04 16.96 6.49
N MET B 79 -10.07 17.54 7.10
CA MET B 79 -11.09 18.24 6.33
C MET B 79 -10.56 19.38 5.46
N LYS B 80 -9.51 20.04 5.93
CA LYS B 80 -8.95 21.17 5.18
C LYS B 80 -8.14 20.77 3.95
N TYR B 81 -7.85 19.48 3.80
CA TYR B 81 -7.07 19.01 2.65
C TYR B 81 -7.94 18.30 1.62
N LEU B 82 -9.24 18.23 1.88
CA LEU B 82 -10.18 17.56 0.99
C LEU B 82 -10.75 18.56 0.00
N ASP B 83 -11.27 18.07 -1.13
CA ASP B 83 -11.84 18.93 -2.15
C ASP B 83 -13.33 19.18 -1.90
N GLU B 84 -14.03 18.15 -1.46
CA GLU B 84 -15.47 18.24 -1.18
C GLU B 84 -15.79 17.48 0.10
N ILE B 85 -16.85 17.89 0.75
CA ILE B 85 -17.29 17.26 1.99
C ILE B 85 -18.80 17.18 1.93
N ASP B 86 -19.35 15.98 2.08
CA ASP B 86 -20.81 15.85 2.02
C ASP B 86 -21.52 16.42 3.24
N LYS B 87 -22.81 16.66 3.04
CA LYS B 87 -23.71 17.20 4.06
C LYS B 87 -23.41 16.76 5.49
N ASP B 88 -23.67 15.48 5.76
CA ASP B 88 -23.44 14.92 7.10
C ASP B 88 -22.10 15.30 7.73
N ALA B 89 -21.01 14.86 7.12
CA ALA B 89 -19.69 15.16 7.64
C ALA B 89 -19.52 16.66 7.89
N GLN B 90 -20.19 17.47 7.08
CA GLN B 90 -20.08 18.91 7.25
C GLN B 90 -20.87 19.39 8.47
N LEU B 91 -22.04 18.78 8.71
CA LEU B 91 -22.84 19.15 9.88
C LEU B 91 -22.13 18.64 11.11
N ILE B 92 -21.78 17.35 11.06
CA ILE B 92 -21.09 16.68 12.16
C ILE B 92 -19.74 17.31 12.49
N GLY B 93 -19.05 17.83 11.47
CA GLY B 93 -17.76 18.45 11.72
C GLY B 93 -16.57 17.52 11.83
N ALA B 94 -16.71 16.31 11.28
CA ALA B 94 -15.63 15.33 11.32
C ALA B 94 -15.76 14.38 10.12
N VAL B 95 -14.63 13.90 9.63
CA VAL B 95 -14.59 12.99 8.48
C VAL B 95 -13.93 11.68 8.89
N ASN B 96 -14.57 10.55 8.58
CA ASN B 96 -13.99 9.25 8.93
C ASN B 96 -13.78 8.36 7.71
N THR B 97 -14.30 8.80 6.55
CA THR B 97 -14.21 8.07 5.29
C THR B 97 -13.94 9.01 4.12
N ILE B 98 -12.96 8.66 3.28
CA ILE B 98 -12.60 9.47 2.12
C ILE B 98 -12.63 8.62 0.84
N LYS B 99 -12.99 9.25 -0.28
CA LYS B 99 -13.00 8.55 -1.56
C LYS B 99 -12.37 9.48 -2.57
N ILE B 100 -11.40 8.98 -3.33
CA ILE B 100 -10.72 9.77 -4.36
C ILE B 100 -11.35 9.38 -5.71
N GLU B 101 -12.02 10.34 -6.32
CA GLU B 101 -12.74 10.11 -7.58
C GLU B 101 -12.55 11.28 -8.54
N ASP B 102 -12.13 10.98 -9.77
CA ASP B 102 -11.90 12.02 -10.78
C ASP B 102 -10.89 13.04 -10.25
N GLY B 103 -9.79 12.53 -9.68
CA GLY B 103 -8.76 13.40 -9.13
C GLY B 103 -9.27 14.30 -8.02
N LYS B 104 -10.43 13.93 -7.49
CA LYS B 104 -11.10 14.68 -6.44
C LYS B 104 -11.25 13.89 -5.12
N ALA B 105 -10.81 14.47 -4.00
CA ALA B 105 -10.91 13.81 -2.70
C ALA B 105 -12.22 14.24 -1.99
N ILE B 106 -13.04 13.29 -1.59
CA ILE B 106 -14.31 13.61 -0.96
C ILE B 106 -14.42 13.06 0.46
N GLY B 107 -14.87 13.90 1.39
CA GLY B 107 -15.00 13.45 2.77
C GLY B 107 -16.41 13.01 3.14
N TYR B 108 -16.49 11.92 3.89
CA TYR B 108 -17.76 11.37 4.35
C TYR B 108 -17.65 11.05 5.84
N ASN B 109 -18.78 10.80 6.47
CA ASN B 109 -18.80 10.40 7.89
C ASN B 109 -19.86 9.33 8.09
N THR B 110 -19.41 8.10 8.25
CA THR B 110 -20.34 6.99 8.40
C THR B 110 -20.56 6.57 9.86
N ASP B 111 -19.88 7.24 10.77
CA ASP B 111 -20.00 6.94 12.20
C ASP B 111 -21.43 7.04 12.73
N GLY B 112 -22.06 8.19 12.49
CA GLY B 112 -23.41 8.40 12.96
C GLY B 112 -24.39 7.35 12.47
N ILE B 113 -24.45 7.21 11.16
CA ILE B 113 -25.33 6.23 10.51
C ILE B 113 -25.01 4.85 11.06
N GLY B 114 -23.72 4.55 11.18
CA GLY B 114 -23.28 3.27 11.69
C GLY B 114 -23.87 2.97 13.06
N ALA B 115 -23.83 3.96 13.95
CA ALA B 115 -24.37 3.78 15.29
C ALA B 115 -25.87 3.55 15.28
N ARG B 116 -26.60 4.28 14.45
CA ARG B 116 -28.05 4.08 14.41
C ARG B 116 -28.40 2.69 13.89
N MET B 117 -27.75 2.26 12.81
CA MET B 117 -28.03 0.93 12.25
C MET B 117 -27.77 -0.14 13.32
N ALA B 118 -26.63 -0.05 13.97
CA ALA B 118 -26.27 -1.00 15.01
C ALA B 118 -27.26 -0.98 16.19
N LEU B 119 -27.77 0.21 16.49
CA LEU B 119 -28.72 0.34 17.59
C LEU B 119 -30.10 -0.12 17.12
N GLU B 120 -30.49 0.28 15.92
CA GLU B 120 -31.80 -0.10 15.41
C GLU B 120 -31.94 -1.58 15.07
N GLU B 121 -30.85 -2.23 14.67
CA GLU B 121 -30.92 -3.65 14.35
C GLU B 121 -31.18 -4.43 15.62
N GLU B 122 -30.70 -3.86 16.72
CA GLU B 122 -30.78 -4.47 18.04
C GLU B 122 -32.12 -4.20 18.74
N ILE B 123 -32.67 -3.00 18.60
CA ILE B 123 -33.93 -2.70 19.28
C ILE B 123 -35.01 -2.03 18.42
N GLY B 124 -34.88 -2.09 17.11
CA GLY B 124 -35.88 -1.48 16.26
C GLY B 124 -35.68 0.02 16.14
N ARG B 125 -36.58 0.70 15.44
CA ARG B 125 -36.46 2.14 15.26
C ARG B 125 -36.23 2.89 16.56
N VAL B 126 -35.35 3.88 16.51
CA VAL B 126 -35.04 4.71 17.67
C VAL B 126 -35.52 6.11 17.34
N LYS B 127 -36.67 6.47 17.90
CA LYS B 127 -37.28 7.77 17.65
C LYS B 127 -38.14 8.19 18.83
N ASP B 128 -38.07 9.47 19.19
CA ASP B 128 -38.84 10.02 20.29
C ASP B 128 -38.45 9.41 21.62
N LYS B 129 -37.16 9.24 21.83
CA LYS B 129 -36.67 8.65 23.07
C LYS B 129 -35.67 9.56 23.74
N ASN B 130 -35.39 9.29 25.02
CA ASN B 130 -34.42 10.08 25.77
C ASN B 130 -33.13 9.30 25.76
N ILE B 131 -32.09 9.91 25.21
CA ILE B 131 -30.81 9.25 25.11
C ILE B 131 -29.69 10.09 25.67
N VAL B 132 -28.82 9.45 26.44
CA VAL B 132 -27.66 10.12 26.99
C VAL B 132 -26.42 9.62 26.27
N ILE B 133 -25.59 10.54 25.83
CA ILE B 133 -24.36 10.18 25.17
C ILE B 133 -23.21 10.68 26.03
N TYR B 134 -22.38 9.74 26.48
CA TYR B 134 -21.22 10.06 27.32
C TYR B 134 -20.00 10.33 26.48
N GLY B 135 -19.60 11.60 26.42
CA GLY B 135 -18.44 11.97 25.63
C GLY B 135 -18.72 13.12 24.68
N ALA B 136 -17.67 13.63 24.04
CA ALA B 136 -17.80 14.76 23.13
C ALA B 136 -16.78 14.75 21.98
N GLY B 137 -16.16 13.59 21.74
CA GLY B 137 -15.18 13.48 20.67
C GLY B 137 -15.82 13.37 19.30
N GLY B 138 -15.08 12.84 18.33
CA GLY B 138 -15.60 12.69 16.98
C GLY B 138 -16.79 11.76 16.94
N ALA B 139 -16.71 10.67 17.70
CA ALA B 139 -17.78 9.68 17.76
C ALA B 139 -19.03 10.30 18.37
N ALA B 140 -18.88 10.88 19.56
CA ALA B 140 -20.01 11.49 20.23
C ALA B 140 -20.69 12.45 19.27
N ARG B 141 -19.89 13.23 18.54
CA ARG B 141 -20.42 14.19 17.57
C ARG B 141 -21.29 13.50 16.55
N ALA B 142 -20.73 12.49 15.88
CA ALA B 142 -21.46 11.75 14.85
C ALA B 142 -22.76 11.14 15.37
N VAL B 143 -22.66 10.40 16.48
CA VAL B 143 -23.82 9.75 17.06
C VAL B 143 -24.82 10.76 17.61
N ALA B 144 -24.33 11.80 18.27
CA ALA B 144 -25.23 12.81 18.82
C ALA B 144 -26.00 13.51 17.70
N PHE B 145 -25.28 13.95 16.66
CA PHE B 145 -25.92 14.62 15.54
C PHE B 145 -26.95 13.75 14.86
N GLU B 146 -26.65 12.46 14.70
CA GLU B 146 -27.55 11.54 14.04
C GLU B 146 -28.81 11.17 14.84
N LEU B 147 -28.66 10.94 16.13
CA LEU B 147 -29.81 10.56 16.94
C LEU B 147 -30.62 11.78 17.35
N ALA B 148 -29.99 12.95 17.34
CA ALA B 148 -30.66 14.20 17.71
C ALA B 148 -31.68 14.59 16.65
N LYS B 149 -31.61 13.92 15.49
CA LYS B 149 -32.52 14.21 14.40
C LYS B 149 -33.96 13.85 14.75
N ASP B 150 -34.14 12.87 15.64
CA ASP B 150 -35.49 12.45 16.00
C ASP B 150 -35.64 11.92 17.43
N ASN B 151 -34.70 12.25 18.30
CA ASN B 151 -34.74 11.80 19.69
C ASN B 151 -34.28 12.95 20.61
N ASN B 152 -34.58 12.82 21.90
CA ASN B 152 -34.13 13.84 22.85
C ASN B 152 -32.79 13.35 23.35
N ILE B 153 -31.76 14.16 23.20
CA ILE B 153 -30.45 13.73 23.66
C ILE B 153 -29.86 14.62 24.73
N ILE B 154 -28.93 14.05 25.48
CA ILE B 154 -28.24 14.77 26.53
C ILE B 154 -26.76 14.40 26.44
N ILE B 155 -25.93 15.41 26.15
CA ILE B 155 -24.50 15.19 26.02
C ILE B 155 -23.82 15.37 27.38
N ALA B 156 -23.30 14.27 27.93
CA ALA B 156 -22.63 14.29 29.22
C ALA B 156 -21.11 14.13 29.02
N ASN B 157 -20.32 15.04 29.59
CA ASN B 157 -18.87 14.98 29.42
C ASN B 157 -18.12 15.50 30.63
N ARG B 158 -16.89 15.03 30.83
CA ARG B 158 -16.11 15.50 31.98
C ARG B 158 -15.85 17.00 31.85
N THR B 159 -15.68 17.46 30.61
CA THR B 159 -15.45 18.89 30.32
C THR B 159 -16.81 19.48 29.96
N VAL B 160 -17.62 19.73 30.98
CA VAL B 160 -18.97 20.27 30.77
C VAL B 160 -19.16 21.29 29.66
N GLU B 161 -18.51 22.45 29.75
CA GLU B 161 -18.69 23.46 28.72
C GLU B 161 -18.42 22.90 27.34
N LYS B 162 -17.51 21.93 27.26
CA LYS B 162 -17.21 21.30 25.98
C LYS B 162 -18.47 20.59 25.49
N ALA B 163 -19.21 20.02 26.44
CA ALA B 163 -20.47 19.33 26.13
C ALA B 163 -21.56 20.35 25.86
N GLU B 164 -21.46 21.50 26.54
CA GLU B 164 -22.44 22.57 26.36
C GLU B 164 -22.29 23.09 24.93
N ALA B 165 -21.02 23.28 24.54
CA ALA B 165 -20.71 23.77 23.21
C ALA B 165 -21.33 22.87 22.15
N LEU B 166 -21.13 21.57 22.28
CA LEU B 166 -21.66 20.60 21.31
C LEU B 166 -23.17 20.61 21.26
N ALA B 167 -23.82 20.74 22.41
CA ALA B 167 -25.27 20.76 22.48
C ALA B 167 -25.85 21.95 21.71
N LYS B 168 -25.28 23.13 21.92
CA LYS B 168 -25.73 24.35 21.25
C LYS B 168 -25.57 24.20 19.74
N GLU B 169 -24.41 23.68 19.33
CA GLU B 169 -24.10 23.47 17.92
C GLU B 169 -25.11 22.55 17.25
N ILE B 170 -25.49 21.48 17.94
CA ILE B 170 -26.45 20.51 17.39
C ILE B 170 -27.83 21.15 17.26
N ALA B 171 -28.26 21.84 18.31
CA ALA B 171 -29.57 22.49 18.31
C ALA B 171 -29.61 23.49 17.15
N GLU B 172 -28.52 24.22 16.99
CA GLU B 172 -28.37 25.21 15.93
C GLU B 172 -28.61 24.63 14.53
N LYS B 173 -27.76 23.68 14.15
CA LYS B 173 -27.82 23.05 12.84
C LYS B 173 -29.04 22.18 12.53
N LEU B 174 -29.63 21.57 13.55
CA LEU B 174 -30.80 20.71 13.34
C LEU B 174 -32.12 21.39 13.65
N ASN B 175 -32.08 22.69 13.92
CA ASN B 175 -33.29 23.42 14.24
C ASN B 175 -33.98 22.77 15.44
N LYS B 176 -33.17 22.47 16.46
CA LYS B 176 -33.68 21.84 17.68
C LYS B 176 -33.68 22.84 18.82
N LYS B 177 -34.44 22.56 19.88
CA LYS B 177 -34.52 23.47 21.02
C LYS B 177 -33.45 23.17 22.06
N PHE B 178 -32.43 24.03 22.07
CA PHE B 178 -31.29 23.90 22.98
C PHE B 178 -31.64 23.55 24.42
N GLY B 179 -32.79 24.02 24.89
CA GLY B 179 -33.15 23.74 26.27
C GLY B 179 -33.73 22.37 26.56
N GLU B 180 -34.54 21.84 25.66
CA GLU B 180 -35.18 20.55 25.89
C GLU B 180 -34.77 19.37 25.02
N GLU B 181 -34.88 19.50 23.71
CA GLU B 181 -34.54 18.42 22.79
C GLU B 181 -33.06 18.02 22.80
N VAL B 182 -32.19 18.99 23.07
CA VAL B 182 -30.75 18.75 23.13
C VAL B 182 -30.19 19.39 24.41
N LYS B 183 -29.83 18.56 25.40
CA LYS B 183 -29.29 19.07 26.65
C LYS B 183 -27.81 18.71 26.86
N PHE B 184 -27.26 19.10 28.00
CA PHE B 184 -25.87 18.81 28.33
C PHE B 184 -25.70 18.69 29.85
N SER B 185 -24.60 18.09 30.29
CA SER B 185 -24.35 17.92 31.72
C SER B 185 -23.00 17.27 31.98
N GLY B 186 -22.77 16.93 33.25
CA GLY B 186 -21.53 16.27 33.63
C GLY B 186 -21.72 14.78 33.60
N LEU B 187 -20.68 14.03 33.98
CA LEU B 187 -20.75 12.56 33.98
C LEU B 187 -21.62 11.96 35.08
N ASP B 188 -22.33 12.78 35.82
CA ASP B 188 -23.17 12.25 36.89
C ASP B 188 -24.64 12.59 36.70
N VAL B 189 -25.02 12.87 35.45
CA VAL B 189 -26.41 13.19 35.15
C VAL B 189 -27.35 12.08 35.62
N ASP B 190 -28.53 12.47 36.08
CA ASP B 190 -29.53 11.52 36.56
C ASP B 190 -30.11 10.80 35.34
N LEU B 191 -30.29 9.49 35.45
CA LEU B 191 -30.80 8.70 34.33
C LEU B 191 -32.29 8.29 34.39
N ASP B 192 -33.03 8.77 35.38
CA ASP B 192 -34.45 8.44 35.49
C ASP B 192 -35.15 8.89 34.20
N GLY B 193 -36.00 8.03 33.64
CA GLY B 193 -36.69 8.43 32.42
C GLY B 193 -35.84 8.38 31.15
N VAL B 194 -34.54 8.12 31.29
CA VAL B 194 -33.65 8.03 30.12
C VAL B 194 -33.81 6.62 29.58
N ASP B 195 -34.06 6.52 28.28
CA ASP B 195 -34.27 5.22 27.62
C ASP B 195 -33.02 4.48 27.21
N ILE B 196 -32.03 5.23 26.74
CA ILE B 196 -30.79 4.65 26.23
C ILE B 196 -29.57 5.50 26.58
N ILE B 197 -28.47 4.84 26.94
CA ILE B 197 -27.22 5.54 27.21
C ILE B 197 -26.16 4.94 26.29
N ILE B 198 -25.28 5.79 25.78
CA ILE B 198 -24.23 5.35 24.87
C ILE B 198 -22.87 5.84 25.36
N ASN B 199 -21.90 4.93 25.45
CA ASN B 199 -20.57 5.31 25.91
C ASN B 199 -19.69 5.65 24.72
N ALA B 200 -19.48 6.94 24.51
CA ALA B 200 -18.62 7.40 23.42
C ALA B 200 -17.31 7.93 24.01
N THR B 201 -16.69 7.13 24.88
CA THR B 201 -15.41 7.49 25.50
C THR B 201 -14.53 6.24 25.54
N PRO B 202 -13.22 6.42 25.70
CA PRO B 202 -12.28 5.28 25.75
C PRO B 202 -12.31 4.52 27.07
N ILE B 203 -12.97 5.08 28.09
CA ILE B 203 -13.05 4.42 29.39
C ILE B 203 -13.48 2.96 29.29
N GLY B 204 -12.57 2.05 29.67
CA GLY B 204 -12.88 0.64 29.63
C GLY B 204 -12.30 -0.07 28.42
N MET B 205 -11.81 0.69 27.45
CA MET B 205 -11.24 0.11 26.24
C MET B 205 -9.85 -0.48 26.47
N TYR B 206 -9.54 -1.54 25.72
CA TYR B 206 -8.23 -2.20 25.80
C TYR B 206 -7.18 -1.09 25.69
N PRO B 207 -6.03 -1.25 26.39
CA PRO B 207 -5.66 -2.36 27.28
C PRO B 207 -6.02 -2.10 28.75
N ASN B 208 -6.58 -0.92 29.00
CA ASN B 208 -6.97 -0.53 30.35
C ASN B 208 -8.42 -0.94 30.61
N ILE B 209 -8.66 -2.26 30.68
CA ILE B 209 -9.98 -2.82 30.88
C ILE B 209 -10.44 -3.02 32.31
N ASP B 210 -9.69 -2.50 33.28
CA ASP B 210 -10.06 -2.66 34.69
C ASP B 210 -10.50 -1.38 35.37
N VAL B 211 -10.36 -0.27 34.68
CA VAL B 211 -10.74 1.04 35.21
C VAL B 211 -12.20 1.05 35.70
N GLU B 212 -12.63 2.17 36.28
CA GLU B 212 -13.99 2.30 36.78
C GLU B 212 -14.91 2.66 35.60
N PRO B 213 -16.09 2.02 35.52
CA PRO B 213 -17.06 2.28 34.45
C PRO B 213 -17.54 3.73 34.52
N ILE B 214 -17.79 4.35 33.36
CA ILE B 214 -18.23 5.74 33.32
C ILE B 214 -19.53 6.01 34.08
N VAL B 215 -20.17 4.95 34.59
CA VAL B 215 -21.39 5.08 35.36
C VAL B 215 -21.63 3.80 36.15
N LYS B 216 -21.88 3.94 37.46
CA LYS B 216 -22.11 2.81 38.35
C LYS B 216 -23.47 2.17 38.12
N ALA B 217 -23.57 0.87 38.42
CA ALA B 217 -24.83 0.13 38.24
C ALA B 217 -25.94 0.73 39.07
N GLU B 218 -25.58 1.68 39.93
CA GLU B 218 -26.55 2.35 40.78
C GLU B 218 -27.65 3.00 39.94
N LYS B 219 -27.24 3.76 38.93
CA LYS B 219 -28.17 4.45 38.06
C LYS B 219 -28.78 3.57 36.98
N LEU B 220 -28.20 2.39 36.73
CA LEU B 220 -28.72 1.51 35.69
C LEU B 220 -30.07 0.91 36.04
N ARG B 221 -30.82 0.52 35.01
CA ARG B 221 -32.16 -0.01 35.17
C ARG B 221 -32.40 -1.15 34.17
N GLU B 222 -33.12 -2.19 34.62
CA GLU B 222 -33.44 -3.34 33.79
C GLU B 222 -34.10 -3.06 32.44
N ASP B 223 -34.94 -2.03 32.37
CA ASP B 223 -35.63 -1.70 31.13
C ASP B 223 -34.88 -0.63 30.36
N MET B 224 -33.59 -0.48 30.67
CA MET B 224 -32.76 0.53 30.02
C MET B 224 -31.90 -0.19 28.98
N VAL B 225 -31.41 0.54 27.99
CA VAL B 225 -30.54 -0.06 26.99
C VAL B 225 -29.20 0.63 27.12
N VAL B 226 -28.14 -0.16 27.17
CA VAL B 226 -26.78 0.37 27.35
C VAL B 226 -25.88 -0.03 26.19
N MET B 227 -25.44 0.94 25.40
CA MET B 227 -24.56 0.66 24.28
C MET B 227 -23.19 1.30 24.52
N ASP B 228 -22.16 0.48 24.40
CA ASP B 228 -20.79 0.97 24.57
C ASP B 228 -20.19 0.92 23.17
N LEU B 229 -19.56 2.01 22.74
CA LEU B 229 -18.95 2.05 21.41
C LEU B 229 -17.64 1.27 21.34
N ILE B 230 -17.20 0.76 22.49
CA ILE B 230 -15.97 -0.01 22.54
C ILE B 230 -16.24 -1.46 22.12
N TYR B 231 -15.38 -2.02 21.29
CA TYR B 231 -15.58 -3.40 20.85
C TYR B 231 -14.44 -4.30 21.28
N ASN B 232 -13.41 -3.71 21.86
CA ASN B 232 -12.27 -4.48 22.37
C ASN B 232 -12.03 -3.93 23.77
N PRO B 233 -12.34 -4.71 24.82
CA PRO B 233 -12.89 -6.08 24.81
C PRO B 233 -14.30 -6.11 24.26
N LEU B 234 -14.82 -7.31 24.02
CA LEU B 234 -16.19 -7.45 23.51
C LEU B 234 -17.20 -7.14 24.61
N GLU B 235 -16.74 -7.26 25.86
CA GLU B 235 -17.61 -6.97 26.98
C GLU B 235 -16.83 -6.13 27.98
N THR B 236 -16.99 -4.82 27.88
CA THR B 236 -16.30 -3.89 28.76
C THR B 236 -16.86 -4.05 30.17
N VAL B 237 -16.39 -3.18 31.08
CA VAL B 237 -16.86 -3.22 32.45
C VAL B 237 -18.27 -2.63 32.50
N LEU B 238 -18.49 -1.57 31.74
CA LEU B 238 -19.79 -0.92 31.70
C LEU B 238 -20.89 -1.90 31.30
N LEU B 239 -20.61 -2.78 30.36
CA LEU B 239 -21.61 -3.75 29.91
C LEU B 239 -21.87 -4.87 30.91
N LYS B 240 -20.86 -5.28 31.68
CA LYS B 240 -21.10 -6.34 32.65
C LYS B 240 -21.71 -5.72 33.91
N GLU B 241 -21.64 -4.40 34.00
CA GLU B 241 -22.21 -3.66 35.12
C GLU B 241 -23.70 -3.53 34.79
N ALA B 242 -23.99 -3.39 33.50
CA ALA B 242 -25.35 -3.26 33.01
C ALA B 242 -26.05 -4.61 33.08
N LYS B 243 -25.28 -5.68 32.90
CA LYS B 243 -25.84 -7.02 32.94
C LYS B 243 -26.31 -7.41 34.35
N LYS B 244 -25.66 -6.85 35.37
CA LYS B 244 -26.05 -7.16 36.74
C LYS B 244 -27.40 -6.53 37.08
N VAL B 245 -28.03 -5.90 36.10
CA VAL B 245 -29.34 -5.29 36.31
C VAL B 245 -30.26 -5.75 35.19
N ASN B 246 -29.86 -6.85 34.55
CA ASN B 246 -30.60 -7.44 33.44
C ASN B 246 -30.88 -6.47 32.30
N ALA B 247 -30.10 -5.40 32.22
CA ALA B 247 -30.30 -4.43 31.15
C ALA B 247 -29.80 -4.97 29.81
N LYS B 248 -30.46 -4.53 28.75
CA LYS B 248 -30.13 -4.90 27.37
C LYS B 248 -28.79 -4.25 27.01
N THR B 249 -27.77 -5.07 26.73
CA THR B 249 -26.46 -4.52 26.37
C THR B 249 -26.09 -4.67 24.90
N ILE B 250 -25.31 -3.70 24.40
CA ILE B 250 -24.83 -3.69 23.02
C ILE B 250 -23.38 -3.16 23.02
N ASN B 251 -22.47 -3.92 22.43
CA ASN B 251 -21.07 -3.49 22.36
C ASN B 251 -20.82 -2.72 21.06
N GLY B 252 -19.57 -2.33 20.82
CA GLY B 252 -19.27 -1.54 19.63
C GLY B 252 -19.06 -2.30 18.33
N LEU B 253 -19.32 -3.60 18.34
CA LEU B 253 -19.13 -4.41 17.14
C LEU B 253 -20.00 -3.90 15.99
N GLY B 254 -21.30 -3.74 16.27
CA GLY B 254 -22.23 -3.27 15.25
C GLY B 254 -21.87 -1.94 14.64
N MET B 255 -21.51 -0.95 15.46
CA MET B 255 -21.15 0.36 14.92
C MET B 255 -19.93 0.21 14.01
N LEU B 256 -18.93 -0.53 14.48
CA LEU B 256 -17.71 -0.76 13.72
C LEU B 256 -17.99 -1.39 12.36
N ILE B 257 -18.83 -2.42 12.35
CA ILE B 257 -19.15 -3.09 11.11
C ILE B 257 -20.03 -2.28 10.18
N TYR B 258 -21.12 -1.73 10.72
CA TYR B 258 -22.03 -0.95 9.90
C TYR B 258 -21.38 0.33 9.40
N GLN B 259 -20.48 0.89 10.18
CA GLN B 259 -19.79 2.08 9.78
C GLN B 259 -18.85 1.71 8.63
N GLY B 260 -18.23 0.54 8.74
CA GLY B 260 -17.33 0.07 7.69
C GLY B 260 -18.12 -0.33 6.46
N ALA B 261 -19.24 -1.00 6.68
CA ALA B 261 -20.10 -1.44 5.58
C ALA B 261 -20.54 -0.30 4.68
N VAL B 262 -20.82 0.87 5.26
CA VAL B 262 -21.25 2.01 4.46
C VAL B 262 -20.09 2.58 3.68
N ALA B 263 -18.91 2.59 4.30
CA ALA B 263 -17.69 3.08 3.67
C ALA B 263 -17.30 2.11 2.53
N PHE B 264 -17.42 0.82 2.80
CA PHE B 264 -17.13 -0.23 1.82
C PHE B 264 -17.88 0.05 0.52
N LYS B 265 -19.19 0.27 0.66
CA LYS B 265 -20.09 0.54 -0.45
C LYS B 265 -19.63 1.80 -1.19
N ILE B 266 -19.29 2.84 -0.43
CA ILE B 266 -18.81 4.10 -0.99
C ILE B 266 -17.60 3.91 -1.89
N TRP B 267 -16.61 3.14 -1.43
CA TRP B 267 -15.41 2.93 -2.22
C TRP B 267 -15.63 2.01 -3.41
N THR B 268 -16.42 0.97 -3.19
CA THR B 268 -16.63 -0.04 -4.21
C THR B 268 -17.96 -0.13 -4.94
N GLY B 269 -18.99 0.55 -4.45
CA GLY B 269 -20.28 0.47 -5.10
C GLY B 269 -20.96 -0.87 -4.81
N VAL B 270 -20.33 -1.70 -3.97
CA VAL B 270 -20.85 -3.00 -3.60
C VAL B 270 -21.15 -3.15 -2.11
N GLU B 271 -22.24 -3.85 -1.78
CA GLU B 271 -22.56 -4.05 -0.39
C GLU B 271 -21.85 -5.29 0.15
N PRO B 272 -21.06 -5.12 1.23
CA PRO B 272 -20.31 -6.20 1.84
C PRO B 272 -21.22 -7.15 2.62
N ASN B 273 -20.69 -8.32 2.96
CA ASN B 273 -21.44 -9.31 3.73
C ASN B 273 -21.14 -9.04 5.21
N ILE B 274 -22.18 -8.75 5.98
CA ILE B 274 -22.06 -8.46 7.40
C ILE B 274 -21.51 -9.59 8.26
N GLU B 275 -21.98 -10.82 8.03
CA GLU B 275 -21.47 -11.95 8.81
C GLU B 275 -19.96 -12.12 8.61
N VAL B 276 -19.53 -11.89 7.38
CA VAL B 276 -18.11 -12.00 7.06
C VAL B 276 -17.32 -10.97 7.86
N MET B 277 -17.71 -9.70 7.75
CA MET B 277 -17.04 -8.63 8.49
C MET B 277 -17.05 -8.93 9.99
N LYS B 278 -18.24 -9.23 10.51
CA LYS B 278 -18.43 -9.53 11.92
C LYS B 278 -17.55 -10.64 12.47
N ASN B 279 -17.59 -11.80 11.83
CA ASN B 279 -16.78 -12.93 12.29
C ASN B 279 -15.29 -12.74 12.09
N ALA B 280 -14.89 -12.03 11.05
CA ALA B 280 -13.46 -11.82 10.81
C ALA B 280 -12.88 -11.05 11.99
N ILE B 281 -13.65 -10.08 12.48
CA ILE B 281 -13.19 -9.27 13.62
C ILE B 281 -13.18 -10.08 14.90
N ILE B 282 -14.28 -10.77 15.17
CA ILE B 282 -14.37 -11.55 16.38
C ILE B 282 -13.22 -12.54 16.48
N ASP B 283 -12.90 -13.21 15.38
CA ASP B 283 -11.80 -14.17 15.39
C ASP B 283 -10.43 -13.58 15.67
N LYS B 284 -10.24 -12.31 15.33
CA LYS B 284 -8.96 -11.68 15.59
C LYS B 284 -8.94 -11.09 17.00
N ILE B 285 -10.12 -10.82 17.55
CA ILE B 285 -10.21 -10.29 18.90
C ILE B 285 -10.11 -11.42 19.92
N THR B 286 -10.93 -12.45 19.75
CA THR B 286 -10.88 -13.60 20.66
C THR B 286 -9.70 -14.47 20.27
N LYS B 287 -9.70 -15.73 20.72
CA LYS B 287 -8.60 -16.66 20.43
C LYS B 287 -7.98 -16.41 19.06
ZN ZN C . -0.26 7.19 -20.68
PA NAP D . 15.31 0.46 -25.29
O1A NAP D . 14.90 1.90 -25.13
O2A NAP D . 14.18 -0.43 -25.81
O5B NAP D . 16.54 0.34 -26.18
C5B NAP D . 16.43 0.29 -27.59
C4B NAP D . 17.53 -0.54 -28.22
O4B NAP D . 16.94 -1.35 -29.24
C3B NAP D . 18.63 0.27 -28.92
O3B NAP D . 19.92 -0.30 -28.72
C2B NAP D . 18.18 0.26 -30.39
O2B NAP D . 19.27 0.50 -31.36
C1B NAP D . 17.65 -1.13 -30.46
N9A NAP D . 16.90 -1.82 -31.40
C8A NAP D . 15.52 -1.74 -31.40
N7A NAP D . 15.01 -2.33 -32.51
C5A NAP D . 16.11 -2.79 -33.18
C6A NAP D . 16.15 -3.48 -34.40
N6A NAP D . 15.05 -3.78 -35.07
N1A NAP D . 17.39 -3.86 -34.93
C2A NAP D . 18.55 -3.56 -34.25
N3A NAP D . 18.49 -2.88 -33.06
C4A NAP D . 17.28 -2.49 -32.51
O3 NAP D . 15.76 -0.18 -24.01
PN NAP D . 15.38 -1.38 -23.22
O1N NAP D . 13.96 -1.11 -22.76
O2N NAP D . 16.29 -1.46 -22.03
O5D NAP D . 15.43 -2.69 -23.98
C5D NAP D . 15.98 -4.01 -24.08
C4D NAP D . 15.44 -5.38 -23.76
O4D NAP D . 15.47 -5.59 -22.35
C3D NAP D . 14.02 -5.46 -24.24
O3D NAP D . 13.81 -6.46 -25.26
C2D NAP D . 13.19 -5.68 -22.99
O2D NAP D . 12.41 -6.87 -23.16
C1D NAP D . 14.15 -5.79 -21.84
N1N NAP D . 14.52 -5.94 -20.52
C2N NAP D . 14.75 -7.09 -19.68
C3N NAP D . 15.12 -6.89 -18.31
C7N NAP D . 15.35 -8.09 -17.39
O7N NAP D . 15.72 -7.86 -16.03
N7N NAP D . 15.21 -9.31 -17.95
C4N NAP D . 15.26 -5.56 -17.77
C5N NAP D . 15.04 -4.33 -18.62
C6N NAP D . 14.65 -4.58 -20.05
P2B NAP D . 18.75 2.00 -31.42
O1X NAP D . 17.28 2.01 -31.90
O2X NAP D . 19.75 2.52 -32.43
O3X NAP D . 18.85 3.01 -30.31
ZN ZN E . -1.56 -2.60 19.97
PA NAP F . -12.05 11.51 21.14
O1A NAP F . -11.23 12.48 20.32
O2A NAP F . -11.20 10.37 21.71
O5B NAP F . -12.80 12.25 22.24
C5B NAP F . -12.32 12.30 23.58
C4B NAP F . -13.37 11.87 24.57
O4B NAP F . -12.80 11.16 25.67
C3B NAP F . -14.14 13.01 25.22
O3B NAP F . -15.51 12.67 25.35
C2B NAP F . -13.42 13.19 26.57
O2B NAP F . -14.22 13.94 27.54
C1B NAP F . -13.25 11.75 26.90
N9A NAP F . -12.50 11.04 27.87
C8A NAP F . -11.30 10.44 27.57
N7A NAP F . -10.77 9.83 28.66
C5A NAP F . -11.67 10.06 29.65
C6A NAP F . -11.60 9.65 30.98
N6A NAP F . -10.58 8.94 31.45
N1A NAP F . -12.65 10.00 31.86
C2A NAP F . -13.71 10.75 31.40
N3A NAP F . -13.76 11.14 30.08
C4A NAP F . -12.75 10.82 29.19
O3 NAP F . -13.14 10.84 20.32
PN NAP F . -13.54 9.43 19.96
O1N NAP F . -12.37 8.85 19.17
O2N NAP F . -14.77 9.53 19.09
O5D NAP F . -13.87 8.49 21.12
C5D NAP F . -14.76 7.51 21.65
C4D NAP F . -14.79 5.99 21.62
O4D NAP F . -15.27 5.53 20.34
C3D NAP F . -13.40 5.48 21.83
O3D NAP F . -13.33 4.54 22.91
C2D NAP F . -12.99 4.89 20.49
O2D NAP F . -12.37 3.64 20.71
C1D NAP F . -14.25 4.78 19.66
N1N NAP F . -14.98 4.46 18.54
C2N NAP F . -15.74 3.28 18.17
C3N NAP F . -16.38 3.23 16.90
C7N NAP F . -17.17 2.01 16.47
O7N NAP F . -17.78 2.00 15.18
N7N NAP F . -17.23 0.98 17.37
C4N NAP F . -16.28 4.35 15.98
C5N NAP F . -15.51 5.60 16.32
C6N NAP F . -14.84 5.62 17.67
P2B NAP F . -13.22 15.12 27.22
O1X NAP F . -11.80 14.69 27.62
O2X NAP F . -13.81 16.18 28.12
O3X NAP F . -13.09 15.84 25.88
#